data_8K5I
#
_entry.id   8K5I
#
_cell.length_a   68.641
_cell.length_b   95.895
_cell.length_c   61.846
_cell.angle_alpha   90.00
_cell.angle_beta   90.00
_cell.angle_gamma   90.00
#
_symmetry.space_group_name_H-M   'P 21 21 2'
#
loop_
_entity.id
_entity.type
_entity.pdbx_description
1 polymer 'selenoneine synthase SenA'
2 non-polymer 'FE (III) ION'
3 non-polymer N,N,N-trimethyl-histidine
4 non-polymer 1-thio-beta-D-glucopyranose
5 non-polymer GLYCEROL
6 non-polymer DI(HYDROXYETHYL)ETHER
7 water water
#
_entity_poly.entity_id   1
_entity_poly.type   'polypeptide(L)'
_entity_poly.pdbx_seq_one_letter_code
;GAGAGAGAGAGMDSTLPVYSVAGAPEALALRAGPPASVRAALLAARRRTLDLADDFRAALGDAYPGIGYAPELNPPLWEL
GHVAWFQEWWIGRNRQRARGVACEPDHAREPSLLPQADAWYDSGRVAHRTRWALPLPDAEATRDYLERTLAQTLALLDEL
PPDAHDDALYFFRLVALHEAMHAEAAAYMAEGLGIALREGGVAPQLAEDAELELPAQRLRMGSDAGTGFAFDNELLSHDV
SIEPLRIDAQAVSWARFLPFVEAGGYEHPAWWSDAGRDWLARQLLRHPAHLRAAGTGWQQRRGGRWLPLDPQGAAVHLNA
HEAEAWCRWAGRRLPTEAEWECAALTLPGFAWGRVWEWTSSPFEPYPGFAPHPYRDYSAPWFGTRRVLRGACHATSAALA
HARYRNFFEPHRRDIFAGFRSCRAPGG
;
_entity_poly.pdbx_strand_id   A
#
loop_
_chem_comp.id
_chem_comp.type
_chem_comp.name
_chem_comp.formula
AVJ non-polymer N,N,N-trimethyl-histidine 'C9 H16 N3 O2 1'
FE non-polymer 'FE (III) ION' 'Fe 3'
GOL non-polymer GLYCEROL 'C3 H8 O3'
GS1 D-saccharide, beta linking 1-thio-beta-D-glucopyranose 'C6 H12 O5 S'
PEG non-polymer DI(HYDROXYETHYL)ETHER 'C4 H10 O3'
#
# COMPACT_ATOMS: atom_id res chain seq x y z
N TYR A 19 4.02 -22.82 7.43
CA TYR A 19 3.73 -21.34 7.24
C TYR A 19 3.25 -20.68 8.54
N SER A 20 3.95 -19.61 8.91
CA SER A 20 3.50 -18.60 9.91
C SER A 20 2.17 -17.98 9.48
N VAL A 21 1.50 -17.32 10.40
CA VAL A 21 0.40 -16.35 10.10
C VAL A 21 1.01 -15.26 9.20
N ALA A 22 0.17 -14.70 8.35
CA ALA A 22 0.59 -13.76 7.29
C ALA A 22 0.73 -12.33 7.85
N GLY A 23 0.20 -12.06 9.04
CA GLY A 23 0.28 -10.69 9.57
C GLY A 23 -0.07 -10.64 11.04
N ALA A 24 -0.15 -9.44 11.60
CA ALA A 24 -0.58 -9.22 12.99
C ALA A 24 -2.03 -9.64 13.19
N PRO A 25 -2.47 -9.83 14.45
CA PRO A 25 -3.83 -10.29 14.72
C PRO A 25 -4.87 -9.45 13.95
N GLU A 26 -4.67 -8.14 13.89
CA GLU A 26 -5.66 -7.21 13.29
C GLU A 26 -5.87 -7.54 11.82
N ALA A 27 -4.81 -7.92 11.11
CA ALA A 27 -4.82 -8.27 9.68
C ALA A 27 -5.62 -9.57 9.49
N LEU A 28 -5.40 -10.53 10.38
CA LEU A 28 -6.11 -11.83 10.29
C LEU A 28 -7.59 -11.61 10.64
N ALA A 29 -7.89 -10.78 11.63
CA ALA A 29 -9.27 -10.54 12.11
C ALA A 29 -10.06 -9.78 11.05
N LEU A 30 -9.47 -8.77 10.41
CA LEU A 30 -10.21 -7.98 9.41
C LEU A 30 -10.57 -8.91 8.25
N ARG A 31 -9.65 -9.77 7.84
CA ARG A 31 -9.86 -10.66 6.68
C ARG A 31 -10.82 -11.82 6.99
N ALA A 32 -10.77 -12.43 8.19
CA ALA A 32 -11.41 -13.73 8.52
C ALA A 32 -12.43 -13.60 9.67
N GLY A 33 -12.41 -12.53 10.48
CA GLY A 33 -13.17 -12.47 11.74
C GLY A 33 -14.62 -12.07 11.50
N PRO A 34 -15.45 -12.15 12.56
CA PRO A 34 -16.88 -11.87 12.47
C PRO A 34 -17.14 -10.38 12.37
N PRO A 35 -18.42 -9.97 12.26
CA PRO A 35 -18.77 -8.54 12.21
C PRO A 35 -18.12 -7.64 13.27
N ALA A 36 -18.15 -8.05 14.55
CA ALA A 36 -17.53 -7.31 15.67
C ALA A 36 -16.09 -6.96 15.30
N SER A 37 -15.35 -7.87 14.68
CA SER A 37 -13.93 -7.65 14.28
C SER A 37 -13.84 -6.58 13.19
N VAL A 38 -14.73 -6.65 12.19
CA VAL A 38 -14.74 -5.67 11.05
C VAL A 38 -15.17 -4.32 11.60
N ARG A 39 -16.13 -4.31 12.52
CA ARG A 39 -16.57 -3.07 13.16
C ARG A 39 -15.37 -2.39 13.85
N ALA A 40 -14.59 -3.12 14.64
CA ALA A 40 -13.46 -2.52 15.39
C ALA A 40 -12.46 -1.97 14.37
N ALA A 41 -12.30 -2.69 13.25
CA ALA A 41 -11.32 -2.33 12.20
C ALA A 41 -11.75 -1.00 11.58
N LEU A 42 -13.06 -0.88 11.29
CA LEU A 42 -13.61 0.33 10.64
C LEU A 42 -13.40 1.51 11.59
N LEU A 43 -13.66 1.32 12.87
CA LEU A 43 -13.48 2.42 13.86
C LEU A 43 -12.00 2.78 13.98
N ALA A 44 -11.09 1.80 14.07
CA ALA A 44 -9.65 2.12 14.13
C ALA A 44 -9.23 2.89 12.88
N ALA A 45 -9.65 2.43 11.69
CA ALA A 45 -9.29 3.09 10.41
C ALA A 45 -9.78 4.55 10.44
N ARG A 46 -11.00 4.79 10.93
CA ARG A 46 -11.55 6.15 10.95
C ARG A 46 -10.77 6.98 11.97
N ARG A 47 -10.36 6.41 13.09
CA ARG A 47 -9.59 7.16 14.11
C ARG A 47 -8.31 7.63 13.43
N ARG A 48 -7.68 6.73 12.69
CA ARG A 48 -6.39 7.06 12.05
C ARG A 48 -6.61 8.11 10.94
N THR A 49 -7.65 7.96 10.14
CA THR A 49 -7.99 8.91 9.05
C THR A 49 -8.07 10.31 9.68
N LEU A 50 -8.77 10.43 10.81
CA LEU A 50 -9.07 11.77 11.39
C LEU A 50 -7.83 12.34 12.08
N ASP A 51 -6.97 11.51 12.68
CA ASP A 51 -5.70 12.00 13.28
C ASP A 51 -4.81 12.54 12.15
N LEU A 52 -4.69 11.82 11.04
CA LEU A 52 -3.95 12.35 9.87
C LEU A 52 -4.62 13.64 9.35
N ALA A 53 -5.95 13.68 9.25
CA ALA A 53 -6.69 14.88 8.79
C ALA A 53 -6.33 16.05 9.72
N ASP A 54 -6.25 15.81 11.03
CA ASP A 54 -5.79 16.85 11.99
C ASP A 54 -4.33 17.27 11.74
N ASP A 55 -3.44 16.36 11.36
CA ASP A 55 -2.03 16.74 11.07
C ASP A 55 -2.04 17.75 9.91
N PHE A 56 -2.80 17.45 8.85
CA PHE A 56 -2.92 18.31 7.65
C PHE A 56 -3.56 19.64 8.05
N ARG A 57 -4.61 19.59 8.87
CA ARG A 57 -5.33 20.77 9.39
C ARG A 57 -4.34 21.70 10.09
N ALA A 58 -3.43 21.15 10.91
CA ALA A 58 -2.42 21.95 11.63
C ALA A 58 -1.49 22.65 10.63
N ALA A 59 -1.10 21.99 9.54
CA ALA A 59 -0.13 22.54 8.56
C ALA A 59 -0.84 23.48 7.56
N LEU A 60 -2.02 23.12 7.04
CA LEU A 60 -2.68 23.84 5.91
C LEU A 60 -3.92 24.64 6.38
N GLY A 61 -4.31 24.54 7.64
CA GLY A 61 -5.51 25.18 8.19
C GLY A 61 -6.79 24.95 7.38
N ASP A 62 -6.98 23.78 6.77
CA ASP A 62 -8.20 23.42 6.01
C ASP A 62 -8.38 24.29 4.76
N ALA A 63 -7.28 24.88 4.26
CA ALA A 63 -7.20 25.50 2.92
C ALA A 63 -7.53 24.45 1.87
N TYR A 64 -8.48 24.73 0.97
CA TYR A 64 -8.66 23.90 -0.24
C TYR A 64 -8.29 24.71 -1.47
N PRO A 65 -7.46 24.16 -2.39
CA PRO A 65 -6.97 22.78 -2.30
C PRO A 65 -5.86 22.51 -1.29
N GLY A 66 -5.15 23.56 -0.83
CA GLY A 66 -4.17 23.47 0.26
C GLY A 66 -2.76 23.11 -0.20
N ILE A 67 -2.60 22.63 -1.43
CA ILE A 67 -1.32 22.06 -1.93
C ILE A 67 -1.19 22.39 -3.42
N GLY A 68 0.03 22.42 -3.95
CA GLY A 68 0.27 22.58 -5.38
C GLY A 68 -0.10 21.29 -6.11
N TYR A 69 -0.12 21.33 -7.44
CA TYR A 69 -0.39 20.14 -8.27
C TYR A 69 0.87 19.28 -8.41
N ALA A 70 0.75 17.96 -8.18
CA ALA A 70 1.70 16.94 -8.67
C ALA A 70 0.92 15.68 -8.96
N PRO A 71 1.35 14.87 -9.94
CA PRO A 71 0.64 13.61 -10.21
C PRO A 71 0.58 12.65 -9.01
N GLU A 72 1.53 12.77 -8.08
CA GLU A 72 1.68 11.87 -6.90
C GLU A 72 0.89 12.40 -5.69
N LEU A 73 0.10 13.45 -5.87
CA LEU A 73 -0.69 14.04 -4.77
C LEU A 73 -2.17 13.98 -5.12
N ASN A 74 -2.99 14.16 -4.11
CA ASN A 74 -4.39 14.60 -4.22
C ASN A 74 -4.61 15.60 -3.11
N PRO A 75 -5.49 16.61 -3.30
CA PRO A 75 -5.84 17.53 -2.20
C PRO A 75 -6.33 16.80 -0.96
N PRO A 76 -5.84 17.17 0.24
CA PRO A 76 -6.24 16.51 1.49
C PRO A 76 -7.77 16.40 1.69
N LEU A 77 -8.54 17.41 1.33
CA LEU A 77 -10.02 17.37 1.54
C LEU A 77 -10.67 16.51 0.45
N TRP A 78 -10.02 16.35 -0.69
CA TRP A 78 -10.49 15.42 -1.75
C TRP A 78 -10.32 14.00 -1.20
N GLU A 79 -9.14 13.67 -0.69
CA GLU A 79 -8.84 12.35 -0.08
C GLU A 79 -9.92 12.00 0.95
N LEU A 80 -10.23 12.90 1.87
CA LEU A 80 -11.22 12.64 2.96
C LEU A 80 -12.59 12.31 2.37
N GLY A 81 -13.04 13.12 1.40
CA GLY A 81 -14.33 12.90 0.72
C GLY A 81 -14.34 11.61 -0.05
N HIS A 82 -13.21 11.28 -0.70
CA HIS A 82 -13.05 10.03 -1.46
C HIS A 82 -13.22 8.85 -0.51
N VAL A 83 -12.69 8.95 0.72
CA VAL A 83 -12.76 7.81 1.68
C VAL A 83 -14.25 7.56 2.03
N ALA A 84 -14.98 8.61 2.31
CA ALA A 84 -16.43 8.50 2.62
C ALA A 84 -17.19 7.99 1.40
N TRP A 85 -16.92 8.57 0.23
CA TRP A 85 -17.63 8.22 -1.02
C TRP A 85 -17.48 6.72 -1.26
N PHE A 86 -16.24 6.22 -1.21
CA PHE A 86 -15.89 4.81 -1.46
C PHE A 86 -16.68 3.92 -0.50
N GLN A 87 -16.67 4.28 0.76
CA GLN A 87 -17.37 3.47 1.79
C GLN A 87 -18.86 3.44 1.49
N GLU A 88 -19.42 4.60 1.22
CA GLU A 88 -20.88 4.76 0.96
C GLU A 88 -21.25 4.03 -0.33
N TRP A 89 -20.37 4.05 -1.34
CA TRP A 89 -20.66 3.47 -2.67
C TRP A 89 -20.79 1.95 -2.53
N TRP A 90 -19.93 1.36 -1.72
CA TRP A 90 -19.78 -0.11 -1.64
C TRP A 90 -20.61 -0.64 -0.48
N ILE A 91 -21.02 0.21 0.48
CA ILE A 91 -21.91 -0.24 1.59
C ILE A 91 -23.35 0.29 1.41
N GLY A 92 -23.65 1.48 1.90
CA GLY A 92 -25.04 1.99 1.99
C GLY A 92 -25.75 1.98 0.64
N ARG A 93 -25.07 2.34 -0.45
CA ARG A 93 -25.69 2.52 -1.79
C ARG A 93 -25.67 1.19 -2.55
N ASN A 94 -24.96 0.22 -2.00
CA ASN A 94 -24.75 -1.09 -2.65
C ASN A 94 -25.96 -1.98 -2.32
N ARG A 95 -26.74 -2.34 -3.34
CA ARG A 95 -27.96 -3.16 -3.23
C ARG A 95 -27.62 -4.65 -3.29
N GLN A 96 -26.35 -5.01 -3.49
CA GLN A 96 -25.96 -6.45 -3.61
C GLN A 96 -24.82 -6.76 -2.65
N ARG A 97 -24.76 -6.09 -1.48
CA ARG A 97 -23.71 -6.32 -0.46
C ARG A 97 -23.57 -7.82 -0.17
N ALA A 98 -24.69 -8.51 0.02
CA ALA A 98 -24.75 -9.94 0.41
C ALA A 98 -24.05 -10.84 -0.62
N ARG A 99 -23.86 -10.41 -1.85
CA ARG A 99 -23.33 -11.32 -2.89
C ARG A 99 -21.79 -11.36 -2.87
N GLY A 100 -21.16 -10.49 -2.08
CA GLY A 100 -19.67 -10.37 -2.05
C GLY A 100 -19.12 -10.19 -3.45
N VAL A 101 -18.14 -10.99 -3.81
CA VAL A 101 -17.45 -10.89 -5.13
C VAL A 101 -18.40 -11.21 -6.31
N ALA A 102 -19.62 -11.70 -6.09
CA ALA A 102 -20.56 -11.94 -7.23
C ALA A 102 -21.44 -10.70 -7.48
N CYS A 103 -21.31 -9.66 -6.67
CA CYS A 103 -21.96 -8.34 -6.85
C CYS A 103 -21.72 -7.83 -8.28
N GLU A 104 -22.78 -7.41 -8.96
CA GLU A 104 -22.70 -6.70 -10.26
C GLU A 104 -22.30 -5.26 -9.99
N PRO A 105 -21.06 -4.86 -10.33
CA PRO A 105 -20.56 -3.56 -9.89
C PRO A 105 -21.47 -2.42 -10.39
N ASP A 106 -22.07 -2.55 -11.58
CA ASP A 106 -22.77 -1.41 -12.24
C ASP A 106 -24.28 -1.47 -12.07
N HIS A 107 -24.80 -2.17 -11.06
CA HIS A 107 -26.27 -2.16 -10.72
C HIS A 107 -26.69 -0.72 -10.32
N ALA A 108 -27.98 -0.39 -10.46
CA ALA A 108 -28.52 0.95 -10.10
C ALA A 108 -28.39 1.12 -8.59
N ARG A 109 -27.84 2.25 -8.13
CA ARG A 109 -27.60 2.53 -6.69
C ARG A 109 -28.54 3.63 -6.20
N GLU A 110 -28.78 3.65 -4.90
CA GLU A 110 -29.45 4.78 -4.16
C GLU A 110 -28.57 6.01 -4.33
N PRO A 111 -29.11 7.23 -4.17
CA PRO A 111 -28.31 8.44 -4.21
C PRO A 111 -27.31 8.53 -3.07
N SER A 112 -26.31 9.39 -3.25
CA SER A 112 -25.36 9.76 -2.19
C SER A 112 -26.05 10.77 -1.27
N LEU A 113 -25.57 10.89 -0.03
CA LEU A 113 -25.90 12.02 0.87
C LEU A 113 -25.56 13.32 0.15
N LEU A 114 -24.52 13.34 -0.70
CA LEU A 114 -24.11 14.52 -1.48
C LEU A 114 -24.47 14.29 -2.93
N PRO A 115 -25.35 15.13 -3.53
CA PRO A 115 -25.79 14.93 -4.91
C PRO A 115 -24.65 14.91 -5.92
N GLN A 116 -23.57 15.64 -5.65
CA GLN A 116 -22.44 15.77 -6.58
C GLN A 116 -21.32 14.80 -6.22
N ALA A 117 -21.46 13.98 -5.18
CA ALA A 117 -20.38 13.07 -4.69
C ALA A 117 -19.81 12.26 -5.87
N ASP A 118 -20.66 11.72 -6.72
CA ASP A 118 -20.18 10.82 -7.81
C ASP A 118 -19.33 11.62 -8.78
N ALA A 119 -19.64 12.89 -8.99
CA ALA A 119 -18.86 13.76 -9.91
C ALA A 119 -17.59 14.24 -9.21
N TRP A 120 -17.55 14.27 -7.87
CA TRP A 120 -16.36 14.76 -7.13
C TRP A 120 -15.35 13.66 -6.80
N TYR A 121 -15.80 12.51 -6.28
CA TYR A 121 -14.97 11.64 -5.41
C TYR A 121 -14.64 10.31 -6.08
N ASP A 122 -15.31 10.00 -7.18
CA ASP A 122 -15.11 8.72 -7.88
C ASP A 122 -13.75 8.80 -8.59
N SER A 123 -12.76 8.10 -8.07
CA SER A 123 -11.38 8.11 -8.61
C SER A 123 -11.36 7.53 -10.04
N GLY A 124 -12.36 6.72 -10.43
CA GLY A 124 -12.53 6.17 -11.78
C GLY A 124 -13.11 7.19 -12.76
N ARG A 125 -13.69 8.29 -12.27
CA ARG A 125 -14.43 9.23 -13.12
C ARG A 125 -13.72 10.58 -13.11
N VAL A 126 -13.22 11.03 -11.98
CA VAL A 126 -12.77 12.43 -11.85
C VAL A 126 -11.34 12.52 -12.35
N ALA A 127 -11.11 13.39 -13.31
CA ALA A 127 -9.79 13.62 -13.93
C ALA A 127 -8.85 14.18 -12.86
N HIS A 128 -7.57 13.86 -12.90
CA HIS A 128 -6.66 14.07 -11.75
C HIS A 128 -6.53 15.58 -11.46
N ARG A 129 -6.21 16.38 -12.48
CA ARG A 129 -5.94 17.82 -12.24
C ARG A 129 -7.25 18.48 -11.82
N THR A 130 -8.40 17.94 -12.20
CA THR A 130 -9.75 18.48 -11.86
C THR A 130 -9.99 18.47 -10.35
N ARG A 131 -9.31 17.61 -9.60
CA ARG A 131 -9.58 17.45 -8.15
C ARG A 131 -9.17 18.73 -7.39
N TRP A 132 -8.26 19.55 -7.94
CA TRP A 132 -7.83 20.85 -7.35
C TRP A 132 -8.89 21.94 -7.57
N ALA A 133 -9.89 21.73 -8.43
CA ALA A 133 -10.74 22.80 -8.96
C ALA A 133 -12.21 22.45 -8.77
N LEU A 134 -12.53 21.58 -7.81
CA LEU A 134 -13.94 21.23 -7.56
C LEU A 134 -14.51 22.14 -6.47
N PRO A 135 -15.82 22.42 -6.53
CA PRO A 135 -16.50 23.16 -5.46
C PRO A 135 -16.83 22.29 -4.24
N LEU A 136 -15.80 21.73 -3.61
CA LEU A 136 -15.97 20.67 -2.58
C LEU A 136 -16.60 21.29 -1.34
N PRO A 137 -17.24 20.49 -0.45
CA PRO A 137 -17.62 20.97 0.87
C PRO A 137 -16.37 21.40 1.67
N ASP A 138 -16.54 22.25 2.66
CA ASP A 138 -15.40 22.67 3.52
C ASP A 138 -15.03 21.48 4.41
N ALA A 139 -13.96 21.62 5.18
CA ALA A 139 -13.41 20.55 6.04
C ALA A 139 -14.50 20.08 7.02
N GLU A 140 -15.27 21.01 7.60
CA GLU A 140 -16.34 20.66 8.59
C GLU A 140 -17.36 19.77 7.89
N ALA A 141 -17.88 20.21 6.76
CA ALA A 141 -18.92 19.47 6.00
C ALA A 141 -18.33 18.16 5.47
N THR A 142 -17.04 18.10 5.15
CA THR A 142 -16.39 16.86 4.68
C THR A 142 -16.35 15.87 5.84
N ARG A 143 -16.06 16.36 7.03
CA ARG A 143 -16.01 15.54 8.25
C ARG A 143 -17.41 15.08 8.58
N ASP A 144 -18.42 15.92 8.32
CA ASP A 144 -19.85 15.56 8.56
C ASP A 144 -20.23 14.39 7.65
N TYR A 145 -19.84 14.45 6.37
CA TYR A 145 -20.08 13.37 5.37
C TYR A 145 -19.42 12.06 5.81
N LEU A 146 -18.14 12.13 6.22
CA LEU A 146 -17.45 10.96 6.84
C LEU A 146 -18.30 10.40 8.00
N GLU A 147 -18.78 11.25 8.89
CA GLU A 147 -19.47 10.78 10.12
C GLU A 147 -20.74 10.05 9.73
N ARG A 148 -21.54 10.68 8.87
CA ARG A 148 -22.90 10.20 8.50
C ARG A 148 -22.76 8.87 7.72
N THR A 149 -21.79 8.80 6.82
CA THR A 149 -21.53 7.55 6.06
C THR A 149 -21.07 6.45 7.01
N LEU A 150 -20.24 6.74 7.99
CA LEU A 150 -19.72 5.68 8.89
C LEU A 150 -20.89 5.19 9.76
N ALA A 151 -21.72 6.15 10.23
CA ALA A 151 -22.92 5.79 11.01
C ALA A 151 -23.77 4.81 10.19
N GLN A 152 -24.04 5.12 8.92
CA GLN A 152 -24.85 4.25 8.03
C GLN A 152 -24.17 2.88 7.89
N THR A 153 -22.87 2.87 7.59
CA THR A 153 -22.10 1.60 7.43
C THR A 153 -22.24 0.78 8.72
N LEU A 154 -22.01 1.38 9.89
CA LEU A 154 -21.97 0.53 11.13
C LEU A 154 -23.38 -0.04 11.45
N ALA A 155 -24.43 0.73 11.19
CA ALA A 155 -25.83 0.28 11.40
C ALA A 155 -26.09 -0.97 10.53
N LEU A 156 -25.61 -0.95 9.29
CA LEU A 156 -25.81 -2.09 8.38
C LEU A 156 -24.97 -3.30 8.86
N LEU A 157 -23.73 -3.05 9.28
CA LEU A 157 -22.82 -4.10 9.77
C LEU A 157 -23.48 -4.77 10.99
N ASP A 158 -24.03 -3.96 11.90
CA ASP A 158 -24.62 -4.47 13.17
C ASP A 158 -25.80 -5.43 12.86
N GLU A 159 -26.36 -5.43 11.64
CA GLU A 159 -27.46 -6.36 11.28
C GLU A 159 -26.93 -7.77 11.01
N LEU A 160 -25.65 -7.91 10.66
CA LEU A 160 -25.10 -9.24 10.31
C LEU A 160 -24.88 -10.08 11.57
N PRO A 161 -25.19 -11.38 11.46
CA PRO A 161 -25.00 -12.33 12.56
C PRO A 161 -23.53 -12.74 12.73
N PRO A 162 -23.13 -13.29 13.90
CA PRO A 162 -21.73 -13.61 14.16
C PRO A 162 -21.11 -14.68 13.25
N ASP A 163 -21.94 -15.52 12.64
CA ASP A 163 -21.51 -16.55 11.67
C ASP A 163 -21.73 -16.02 10.24
N ALA A 164 -21.79 -14.72 10.03
CA ALA A 164 -21.89 -14.10 8.69
C ALA A 164 -20.81 -14.70 7.80
N HIS A 165 -21.19 -15.09 6.59
CA HIS A 165 -20.30 -15.65 5.55
C HIS A 165 -19.34 -14.54 5.04
N ASP A 166 -18.21 -14.94 4.44
CA ASP A 166 -17.25 -14.06 3.72
C ASP A 166 -17.98 -13.17 2.71
N ASP A 167 -18.93 -13.72 1.94
CA ASP A 167 -19.73 -12.93 0.98
C ASP A 167 -20.42 -11.78 1.68
N ALA A 168 -21.07 -12.03 2.82
CA ALA A 168 -21.85 -11.01 3.55
C ALA A 168 -20.92 -9.90 4.08
N LEU A 169 -19.71 -10.26 4.51
CA LEU A 169 -18.73 -9.31 5.12
C LEU A 169 -17.82 -8.67 4.06
N TYR A 170 -17.79 -9.20 2.85
CA TYR A 170 -16.81 -8.88 1.78
C TYR A 170 -16.63 -7.35 1.68
N PHE A 171 -17.71 -6.59 1.55
CA PHE A 171 -17.57 -5.15 1.23
C PHE A 171 -17.17 -4.36 2.47
N PHE A 172 -17.63 -4.77 3.64
CA PHE A 172 -17.23 -4.17 4.95
C PHE A 172 -15.70 -4.28 5.06
N ARG A 173 -15.17 -5.45 4.73
CA ARG A 173 -13.71 -5.72 4.79
C ARG A 173 -12.99 -4.90 3.71
N LEU A 174 -13.52 -4.89 2.48
CA LEU A 174 -12.95 -4.08 1.39
C LEU A 174 -12.84 -2.60 1.80
N VAL A 175 -13.92 -1.96 2.29
CA VAL A 175 -13.90 -0.49 2.54
C VAL A 175 -12.98 -0.19 3.73
N ALA A 176 -12.86 -1.08 4.70
CA ALA A 176 -11.90 -0.87 5.80
C ALA A 176 -10.48 -0.90 5.25
N LEU A 177 -10.17 -1.85 4.36
CA LEU A 177 -8.80 -1.99 3.81
C LEU A 177 -8.51 -0.76 2.93
N HIS A 178 -9.53 -0.25 2.22
CA HIS A 178 -9.37 0.88 1.27
C HIS A 178 -8.98 2.11 2.07
N GLU A 179 -9.65 2.31 3.21
CA GLU A 179 -9.40 3.48 4.07
C GLU A 179 -8.00 3.37 4.69
N ALA A 180 -7.56 2.18 5.09
CA ALA A 180 -6.19 1.95 5.59
C ALA A 180 -5.20 2.38 4.50
N MET A 181 -5.46 2.04 3.26
CA MET A 181 -4.55 2.38 2.16
C MET A 181 -4.49 3.90 1.98
N HIS A 182 -5.61 4.62 2.07
CA HIS A 182 -5.62 6.09 1.92
C HIS A 182 -4.91 6.72 3.14
N ALA A 183 -4.95 6.12 4.32
CA ALA A 183 -4.27 6.66 5.50
C ALA A 183 -2.76 6.65 5.23
N GLU A 184 -2.26 5.54 4.71
CA GLU A 184 -0.83 5.41 4.39
C GLU A 184 -0.47 6.49 3.35
N ALA A 185 -1.35 6.72 2.38
CA ALA A 185 -1.12 7.69 1.28
C ALA A 185 -1.03 9.11 1.88
N ALA A 186 -1.88 9.43 2.86
CA ALA A 186 -1.77 10.68 3.63
C ALA A 186 -0.35 10.80 4.23
N ALA A 187 0.15 9.73 4.85
CA ALA A 187 1.48 9.72 5.50
C ALA A 187 2.56 9.98 4.46
N TYR A 188 2.56 9.31 3.31
CA TYR A 188 3.68 9.53 2.35
C TYR A 188 3.48 10.86 1.61
N MET A 189 2.26 11.27 1.33
CA MET A 189 2.05 12.61 0.73
C MET A 189 2.49 13.68 1.74
N ALA A 190 2.13 13.53 3.03
CA ALA A 190 2.57 14.48 4.09
C ALA A 190 4.09 14.60 4.05
N GLU A 191 4.77 13.48 4.02
CA GLU A 191 6.27 13.47 4.00
C GLU A 191 6.75 14.29 2.79
N GLY A 192 6.14 14.09 1.62
CA GLY A 192 6.42 14.84 0.39
C GLY A 192 6.21 16.34 0.54
N LEU A 193 5.19 16.76 1.30
CA LEU A 193 4.76 18.17 1.47
C LEU A 193 5.52 18.85 2.63
N GLY A 194 6.45 18.14 3.28
CA GLY A 194 7.13 18.59 4.51
C GLY A 194 6.16 18.82 5.65
N ILE A 195 5.12 18.00 5.76
CA ILE A 195 4.13 18.09 6.86
C ILE A 195 4.46 17.04 7.94
N ALA A 196 4.64 17.49 9.19
CA ALA A 196 4.93 16.63 10.36
C ALA A 196 3.64 15.94 10.85
N LEU A 197 3.67 14.63 11.10
CA LEU A 197 2.56 13.88 11.72
C LEU A 197 2.88 13.55 13.19
N ARG A 198 1.85 13.42 14.01
CA ARG A 198 1.96 12.84 15.38
C ARG A 198 2.35 11.36 15.38
N GLU A 199 1.90 10.54 14.42
CA GLU A 199 2.05 9.05 14.47
C GLU A 199 3.46 8.63 14.02
N LEU A 206 16.45 -0.41 12.57
CA LEU A 206 16.70 -1.84 12.20
C LEU A 206 17.57 -2.48 13.29
N ALA A 207 17.51 -3.82 13.41
CA ALA A 207 18.38 -4.66 14.28
C ALA A 207 19.73 -4.91 13.60
N GLU A 208 20.57 -5.73 14.22
CA GLU A 208 21.83 -6.25 13.62
C GLU A 208 21.48 -6.99 12.32
N ASP A 209 22.31 -6.84 11.28
CA ASP A 209 22.17 -7.51 9.97
C ASP A 209 22.43 -9.01 10.13
N ALA A 210 22.08 -9.79 9.10
CA ALA A 210 22.17 -11.26 9.07
C ALA A 210 21.68 -11.72 7.71
N GLU A 211 22.15 -12.88 7.28
CA GLU A 211 21.67 -13.55 6.07
C GLU A 211 20.96 -14.82 6.47
N LEU A 212 19.88 -15.18 5.78
CA LEU A 212 19.07 -16.37 6.11
C LEU A 212 19.14 -17.32 4.92
N GLU A 213 19.11 -18.61 5.24
CA GLU A 213 19.07 -19.70 4.25
C GLU A 213 17.58 -19.96 3.92
N LEU A 214 17.20 -19.88 2.64
CA LEU A 214 15.85 -20.33 2.18
C LEU A 214 16.05 -21.58 1.34
N PRO A 215 15.70 -22.75 1.87
CA PRO A 215 15.89 -24.00 1.13
C PRO A 215 14.91 -24.14 -0.04
N ALA A 216 15.35 -24.87 -1.05
CA ALA A 216 14.52 -25.34 -2.18
C ALA A 216 13.21 -25.91 -1.61
N GLN A 217 12.08 -25.48 -2.14
CA GLN A 217 10.75 -25.90 -1.63
C GLN A 217 9.65 -25.48 -2.60
N ARG A 218 8.48 -26.05 -2.40
CA ARG A 218 7.26 -25.70 -3.16
C ARG A 218 6.53 -24.69 -2.29
N LEU A 219 6.22 -23.51 -2.82
CA LEU A 219 5.39 -22.50 -2.12
C LEU A 219 3.97 -22.56 -2.66
N ARG A 220 2.98 -22.70 -1.79
CA ARG A 220 1.57 -22.42 -2.16
C ARG A 220 1.36 -20.91 -2.04
N MET A 221 1.49 -20.23 -3.17
CA MET A 221 1.54 -18.75 -3.29
C MET A 221 0.12 -18.21 -3.42
N GLY A 222 -0.15 -17.04 -2.81
CA GLY A 222 -1.44 -16.35 -2.94
C GLY A 222 -2.43 -16.79 -1.87
N SER A 223 -3.67 -16.35 -1.98
CA SER A 223 -4.67 -16.52 -0.90
C SER A 223 -5.60 -17.70 -1.25
N ASP A 224 -5.66 -18.72 -0.40
CA ASP A 224 -6.48 -19.94 -0.67
C ASP A 224 -7.95 -19.57 -0.52
N ALA A 225 -8.84 -20.28 -1.22
CA ALA A 225 -10.30 -20.18 -1.02
C ALA A 225 -10.57 -20.44 0.47
N GLY A 226 -11.66 -19.88 1.02
CA GLY A 226 -12.09 -19.99 2.43
C GLY A 226 -10.98 -19.68 3.43
N THR A 227 -10.19 -18.64 3.19
CA THR A 227 -9.19 -18.07 4.15
C THR A 227 -9.70 -16.68 4.57
N GLY A 228 -10.93 -16.35 4.19
CA GLY A 228 -11.51 -15.01 4.40
C GLY A 228 -11.17 -14.13 3.22
N PHE A 229 -11.19 -12.83 3.42
CA PHE A 229 -11.06 -11.82 2.34
C PHE A 229 -9.71 -11.99 1.64
N ALA A 230 -9.71 -11.97 0.30
CA ALA A 230 -8.52 -11.86 -0.57
C ALA A 230 -8.72 -10.65 -1.48
N PHE A 231 -7.65 -9.93 -1.76
CA PHE A 231 -7.61 -8.99 -2.90
C PHE A 231 -7.61 -9.87 -4.16
N ASP A 232 -8.23 -9.39 -5.22
CA ASP A 232 -8.37 -10.15 -6.48
C ASP A 232 -7.00 -10.54 -6.98
N ASN A 233 -5.98 -9.73 -6.70
CA ASN A 233 -4.63 -9.98 -7.28
C ASN A 233 -3.88 -11.07 -6.50
N GLU A 234 -4.48 -11.58 -5.43
CA GLU A 234 -3.88 -12.67 -4.62
C GLU A 234 -4.34 -14.05 -5.14
N LEU A 235 -5.16 -14.09 -6.18
CA LEU A 235 -5.86 -15.32 -6.63
C LEU A 235 -5.55 -15.55 -8.11
N LEU A 236 -5.54 -16.81 -8.52
CA LEU A 236 -5.68 -17.98 -7.64
C LEU A 236 -4.41 -18.24 -6.86
N SER A 237 -4.57 -18.82 -5.68
CA SER A 237 -3.46 -19.52 -5.00
C SER A 237 -2.98 -20.65 -5.90
N HIS A 238 -1.67 -20.85 -5.94
CA HIS A 238 -1.05 -21.73 -6.93
C HIS A 238 0.31 -22.13 -6.39
N ASP A 239 0.67 -23.39 -6.57
CA ASP A 239 1.99 -23.91 -6.14
C ASP A 239 3.03 -23.40 -7.14
N VAL A 240 4.21 -23.08 -6.62
CA VAL A 240 5.36 -22.54 -7.37
C VAL A 240 6.61 -23.15 -6.73
N SER A 241 7.66 -23.34 -7.51
CA SER A 241 8.94 -23.90 -7.06
C SER A 241 9.82 -22.73 -6.57
N ILE A 242 10.35 -22.86 -5.36
CA ILE A 242 11.34 -21.86 -4.82
C ILE A 242 12.71 -22.53 -4.88
N GLU A 243 13.66 -21.86 -5.52
CA GLU A 243 15.06 -22.31 -5.64
C GLU A 243 15.80 -21.91 -4.39
N PRO A 244 16.85 -22.65 -4.00
CA PRO A 244 17.56 -22.38 -2.76
C PRO A 244 18.19 -20.99 -2.88
N LEU A 245 18.23 -20.22 -1.80
CA LEU A 245 18.88 -18.89 -1.81
C LEU A 245 19.26 -18.46 -0.39
N ARG A 246 20.00 -17.36 -0.34
CA ARG A 246 20.38 -16.66 0.89
C ARG A 246 19.77 -15.26 0.79
N ILE A 247 19.01 -14.85 1.81
CA ILE A 247 18.20 -13.61 1.79
C ILE A 247 18.52 -12.80 3.04
N ASP A 248 18.68 -11.50 2.88
CA ASP A 248 18.75 -10.54 4.01
C ASP A 248 17.62 -10.80 5.00
N ALA A 249 17.98 -10.81 6.29
CA ALA A 249 17.04 -11.00 7.41
C ALA A 249 16.20 -9.74 7.57
N GLN A 250 16.72 -8.60 7.12
CA GLN A 250 15.97 -7.32 7.17
C GLN A 250 16.26 -6.45 5.95
N ALA A 251 15.44 -5.44 5.73
CA ALA A 251 15.64 -4.44 4.66
C ALA A 251 17.05 -3.84 4.74
N VAL A 252 17.56 -3.43 3.58
CA VAL A 252 18.88 -2.76 3.44
C VAL A 252 18.81 -1.44 4.21
N SER A 253 19.80 -1.23 5.08
CA SER A 253 19.96 -0.04 5.95
C SER A 253 20.63 1.05 5.14
N TRP A 254 20.57 2.29 5.62
CA TRP A 254 21.42 3.35 5.06
C TRP A 254 22.89 2.93 5.17
N ALA A 255 23.27 2.24 6.23
CA ALA A 255 24.69 1.84 6.50
C ALA A 255 25.18 0.95 5.37
N ARG A 256 24.32 0.01 4.92
CA ARG A 256 24.63 -0.94 3.82
C ARG A 256 24.42 -0.28 2.48
N PHE A 257 23.50 0.68 2.36
CA PHE A 257 23.18 1.33 1.08
C PHE A 257 24.24 2.36 0.72
N LEU A 258 24.61 3.25 1.64
CA LEU A 258 25.40 4.46 1.25
C LEU A 258 26.78 4.07 0.71
N PRO A 259 27.45 2.97 1.11
CA PRO A 259 28.70 2.60 0.44
C PRO A 259 28.63 2.46 -1.09
N PHE A 260 27.43 2.23 -1.65
CA PHE A 260 27.16 2.22 -3.12
C PHE A 260 27.26 3.64 -3.65
N VAL A 261 26.76 4.59 -2.89
CA VAL A 261 26.78 6.05 -3.25
C VAL A 261 28.23 6.51 -3.10
N GLU A 262 28.89 6.12 -2.02
CA GLU A 262 30.29 6.52 -1.73
C GLU A 262 31.21 5.91 -2.81
N ALA A 263 30.94 4.69 -3.29
CA ALA A 263 31.71 4.01 -4.37
C ALA A 263 31.36 4.55 -5.77
N GLY A 264 30.63 5.67 -5.89
CA GLY A 264 30.32 6.33 -7.18
C GLY A 264 29.15 5.69 -7.94
N GLY A 265 28.28 4.95 -7.24
CA GLY A 265 27.18 4.17 -7.86
C GLY A 265 26.29 5.01 -8.76
N TYR A 266 25.95 6.22 -8.33
CA TYR A 266 25.03 7.13 -9.06
C TYR A 266 25.79 7.89 -10.15
N GLU A 267 27.04 7.50 -10.41
CA GLU A 267 27.88 8.04 -11.51
C GLU A 267 28.20 6.94 -12.53
N HIS A 268 28.01 5.66 -12.15
CA HIS A 268 28.41 4.45 -12.93
C HIS A 268 27.18 3.84 -13.61
N PRO A 269 26.69 4.39 -14.76
CA PRO A 269 25.53 3.82 -15.46
C PRO A 269 25.58 2.32 -15.63
N ALA A 270 26.78 1.71 -15.62
CA ALA A 270 26.93 0.26 -15.85
C ALA A 270 26.21 -0.55 -14.76
N TRP A 271 26.00 0.02 -13.57
CA TRP A 271 25.27 -0.68 -12.48
C TRP A 271 23.76 -0.74 -12.81
N TRP A 272 23.27 0.08 -13.72
CA TRP A 272 21.82 0.33 -13.92
C TRP A 272 21.26 -0.44 -15.12
N SER A 273 19.94 -0.66 -15.13
CA SER A 273 19.17 -1.10 -16.31
C SER A 273 19.06 0.06 -17.32
N ASP A 274 18.57 -0.23 -18.54
CA ASP A 274 18.31 0.85 -19.54
C ASP A 274 17.30 1.85 -18.98
N ALA A 275 16.23 1.36 -18.36
CA ALA A 275 15.21 2.24 -17.75
C ALA A 275 15.90 2.98 -16.61
N GLY A 276 16.75 2.29 -15.81
CA GLY A 276 17.49 2.95 -14.72
C GLY A 276 18.37 4.10 -15.21
N ARG A 277 19.20 3.85 -16.23
CA ARG A 277 20.06 4.86 -16.91
C ARG A 277 19.21 6.05 -17.36
N ASP A 278 18.11 5.79 -18.07
CA ASP A 278 17.21 6.86 -18.59
C ASP A 278 16.73 7.71 -17.41
N TRP A 279 16.30 7.05 -16.34
CA TRP A 279 15.87 7.73 -15.09
C TRP A 279 17.04 8.54 -14.50
N LEU A 280 18.19 7.87 -14.29
CA LEU A 280 19.39 8.44 -13.64
C LEU A 280 19.80 9.72 -14.41
N ALA A 281 19.94 9.62 -15.73
CA ALA A 281 20.31 10.72 -16.65
C ALA A 281 19.45 11.97 -16.39
N ARG A 282 18.20 11.81 -15.97
CA ARG A 282 17.23 12.93 -15.85
C ARG A 282 17.21 13.48 -14.42
N GLN A 283 18.11 13.02 -13.54
CA GLN A 283 18.15 13.43 -12.11
C GLN A 283 19.15 14.58 -11.93
N LEU A 284 18.72 15.66 -11.28
CA LEU A 284 19.61 16.80 -10.92
C LEU A 284 20.65 16.32 -9.90
N LEU A 285 20.21 15.86 -8.73
CA LEU A 285 21.09 15.35 -7.65
C LEU A 285 21.33 13.84 -7.85
N ARG A 286 22.60 13.43 -7.93
CA ARG A 286 23.02 12.03 -8.17
C ARG A 286 23.16 11.32 -6.83
N HIS A 287 22.06 11.32 -6.07
CA HIS A 287 21.95 10.69 -4.73
C HIS A 287 20.47 10.52 -4.41
N PRO A 288 20.15 9.69 -3.40
CA PRO A 288 18.76 9.43 -3.05
C PRO A 288 17.89 10.65 -2.75
N ALA A 289 16.57 10.44 -2.83
CA ALA A 289 15.51 11.38 -2.41
C ALA A 289 15.59 11.62 -0.90
N HIS A 290 15.36 12.88 -0.53
CA HIS A 290 15.19 13.39 0.85
C HIS A 290 16.56 13.46 1.54
N LEU A 291 17.66 13.25 0.82
CA LEU A 291 19.04 13.28 1.37
C LEU A 291 19.75 14.55 0.90
N ARG A 292 20.77 15.00 1.65
CA ARG A 292 21.66 16.13 1.28
C ARG A 292 22.94 16.08 2.13
N TRP A 298 25.48 13.25 5.93
CA TRP A 298 24.17 13.16 5.24
C TRP A 298 23.04 13.70 6.13
N GLN A 299 22.11 14.41 5.53
CA GLN A 299 20.87 14.88 6.21
C GLN A 299 19.65 14.39 5.44
N GLN A 300 18.60 13.96 6.16
CA GLN A 300 17.30 13.55 5.56
C GLN A 300 16.27 14.64 5.87
N ARG A 301 15.24 14.76 5.01
CA ARG A 301 13.98 15.52 5.25
C ARG A 301 14.21 16.99 4.88
N TRP A 306 15.16 18.71 8.21
CA TRP A 306 16.45 18.38 7.53
C TRP A 306 17.46 17.76 8.49
N LEU A 307 17.02 16.83 9.35
CA LEU A 307 17.82 16.26 10.48
C LEU A 307 18.95 15.39 9.94
N PRO A 308 19.99 15.08 10.74
CA PRO A 308 21.09 14.24 10.27
C PRO A 308 20.60 12.79 10.14
N LEU A 309 21.24 12.00 9.29
CA LEU A 309 20.71 10.69 8.82
C LEU A 309 21.18 9.56 9.75
N ASP A 310 20.30 8.60 10.06
CA ASP A 310 20.58 7.45 10.97
C ASP A 310 20.97 6.24 10.13
N PRO A 311 22.26 5.83 10.13
CA PRO A 311 22.70 4.67 9.35
C PRO A 311 21.93 3.37 9.65
N GLN A 312 21.43 3.21 10.88
CA GLN A 312 20.70 1.99 11.33
C GLN A 312 19.27 2.00 10.77
N GLY A 313 18.83 3.13 10.20
CA GLY A 313 17.50 3.22 9.58
C GLY A 313 17.45 2.44 8.28
N ALA A 314 16.28 1.91 7.94
CA ALA A 314 15.97 1.29 6.64
C ALA A 314 16.11 2.36 5.55
N ALA A 315 16.91 2.09 4.52
CA ALA A 315 16.94 2.94 3.32
C ALA A 315 15.50 3.02 2.81
N VAL A 316 15.06 4.23 2.51
CA VAL A 316 13.64 4.53 2.16
C VAL A 316 13.62 5.63 1.11
N HIS A 317 12.54 5.69 0.32
CA HIS A 317 12.32 6.65 -0.79
C HIS A 317 13.33 6.32 -1.90
N LEU A 318 13.59 5.02 -2.07
CA LEU A 318 14.36 4.46 -3.19
C LEU A 318 13.37 3.85 -4.15
N ASN A 319 13.55 4.06 -5.44
CA ASN A 319 12.73 3.40 -6.49
C ASN A 319 13.40 2.07 -6.86
N ALA A 320 12.75 1.28 -7.73
CA ALA A 320 13.22 -0.06 -8.14
C ALA A 320 14.60 0.08 -8.82
N HIS A 321 14.85 1.19 -9.51
CA HIS A 321 16.07 1.39 -10.33
C HIS A 321 17.26 1.47 -9.37
N GLU A 322 17.11 2.25 -8.31
CA GLU A 322 18.13 2.45 -7.25
C GLU A 322 18.37 1.12 -6.53
N ALA A 323 17.31 0.43 -6.12
CA ALA A 323 17.43 -0.91 -5.49
C ALA A 323 18.21 -1.84 -6.42
N GLU A 324 17.86 -1.85 -7.71
CA GLU A 324 18.47 -2.83 -8.64
C GLU A 324 19.97 -2.54 -8.83
N ALA A 325 20.34 -1.28 -8.93
CA ALA A 325 21.72 -0.80 -9.12
C ALA A 325 22.55 -1.21 -7.90
N TRP A 326 22.05 -0.91 -6.70
CA TRP A 326 22.71 -1.37 -5.46
C TRP A 326 22.97 -2.88 -5.55
N CYS A 327 21.95 -3.66 -5.93
CA CYS A 327 22.05 -5.15 -6.03
C CYS A 327 23.19 -5.55 -6.99
N ARG A 328 23.29 -4.93 -8.18
CA ARG A 328 24.36 -5.27 -9.17
C ARG A 328 25.74 -5.00 -8.51
N TRP A 329 25.92 -3.80 -7.95
CA TRP A 329 27.15 -3.39 -7.22
C TRP A 329 27.52 -4.36 -6.08
N ALA A 330 26.56 -4.85 -5.27
CA ALA A 330 26.77 -5.81 -4.16
C ALA A 330 26.93 -7.24 -4.67
N GLY A 331 26.73 -7.48 -5.97
CA GLY A 331 26.70 -8.86 -6.48
C GLY A 331 25.52 -9.60 -5.88
N ARG A 332 24.38 -8.91 -5.73
CA ARG A 332 23.17 -9.54 -5.15
C ARG A 332 22.00 -9.24 -6.10
N ARG A 333 20.79 -9.64 -5.72
CA ARG A 333 19.59 -9.38 -6.54
C ARG A 333 18.36 -9.20 -5.65
N LEU A 334 17.32 -8.61 -6.23
CA LEU A 334 16.00 -8.53 -5.57
C LEU A 334 15.43 -9.93 -5.55
N PRO A 335 14.63 -10.27 -4.52
CA PRO A 335 13.87 -11.51 -4.53
C PRO A 335 12.75 -11.34 -5.56
N THR A 336 12.25 -12.46 -6.07
CA THR A 336 10.93 -12.49 -6.74
C THR A 336 9.91 -12.29 -5.63
N GLU A 337 8.67 -11.92 -5.95
CA GLU A 337 7.68 -11.84 -4.87
C GLU A 337 7.43 -13.25 -4.30
N ALA A 338 7.52 -14.31 -5.09
CA ALA A 338 7.39 -15.71 -4.57
C ALA A 338 8.46 -15.98 -3.49
N GLU A 339 9.71 -15.65 -3.79
CA GLU A 339 10.83 -15.88 -2.84
C GLU A 339 10.56 -15.05 -1.58
N TRP A 340 10.14 -13.80 -1.76
CA TRP A 340 9.83 -12.92 -0.60
C TRP A 340 8.73 -13.59 0.25
N GLU A 341 7.59 -13.93 -0.35
CA GLU A 341 6.42 -14.53 0.34
C GLU A 341 6.86 -15.81 1.05
N CYS A 342 7.66 -16.64 0.40
CA CYS A 342 8.08 -17.94 0.99
C CYS A 342 8.90 -17.65 2.26
N ALA A 343 9.86 -16.75 2.14
CA ALA A 343 10.79 -16.36 3.24
C ALA A 343 9.97 -15.81 4.40
N ALA A 344 9.08 -14.85 4.11
CA ALA A 344 8.23 -14.20 5.11
C ALA A 344 7.43 -15.25 5.88
N LEU A 345 6.94 -16.30 5.23
CA LEU A 345 6.03 -17.27 5.89
C LEU A 345 6.78 -18.44 6.55
N THR A 346 8.06 -18.65 6.24
CA THR A 346 8.79 -19.88 6.67
C THR A 346 9.99 -19.55 7.58
N LEU A 347 10.48 -18.32 7.61
CA LEU A 347 11.76 -17.97 8.29
C LEU A 347 11.49 -17.05 9.46
N PRO A 348 11.55 -17.54 10.71
CA PRO A 348 11.24 -16.69 11.87
C PRO A 348 12.12 -15.44 11.99
N GLY A 349 13.36 -15.46 11.49
CA GLY A 349 14.29 -14.32 11.61
C GLY A 349 14.13 -13.29 10.46
N PHE A 350 13.21 -13.55 9.54
CA PHE A 350 12.87 -12.61 8.45
C PHE A 350 11.96 -11.52 9.01
N ALA A 351 12.53 -10.32 9.19
CA ALA A 351 11.88 -9.14 9.81
C ALA A 351 11.45 -8.21 8.69
N TRP A 352 10.16 -7.85 8.61
CA TRP A 352 9.61 -6.93 7.58
C TRP A 352 8.64 -5.95 8.23
N GLY A 353 8.05 -5.06 7.43
CA GLY A 353 7.11 -4.05 7.92
C GLY A 353 7.74 -2.69 8.12
N ARG A 354 9.05 -2.49 7.83
CA ARG A 354 9.70 -1.17 8.05
C ARG A 354 9.53 -0.29 6.82
N VAL A 355 9.82 -0.84 5.66
CA VAL A 355 9.64 -0.23 4.32
C VAL A 355 8.98 -1.25 3.41
N TRP A 356 8.17 -0.77 2.47
CA TRP A 356 7.76 -1.62 1.32
C TRP A 356 9.06 -2.04 0.62
N GLU A 357 9.11 -3.23 0.05
CA GLU A 357 10.37 -3.77 -0.54
C GLU A 357 10.15 -4.12 -2.01
N TRP A 358 10.81 -3.44 -2.91
CA TRP A 358 10.79 -3.76 -4.38
C TRP A 358 11.22 -5.21 -4.57
N THR A 359 10.44 -5.95 -5.35
CA THR A 359 10.77 -7.29 -5.85
C THR A 359 11.16 -7.13 -7.33
N SER A 360 11.65 -8.20 -7.93
CA SER A 360 11.98 -8.25 -9.38
C SER A 360 10.69 -8.56 -10.15
N SER A 361 9.55 -8.76 -9.47
CA SER A 361 8.33 -9.29 -10.10
C SER A 361 7.48 -8.15 -10.64
N PRO A 362 7.18 -8.12 -11.96
CA PRO A 362 6.22 -7.19 -12.53
C PRO A 362 4.84 -7.48 -11.93
N PHE A 363 4.05 -6.44 -11.71
CA PHE A 363 2.64 -6.65 -11.27
C PHE A 363 1.86 -7.29 -12.42
N GLU A 364 1.59 -8.58 -12.33
CA GLU A 364 0.86 -9.40 -13.37
C GLU A 364 -0.12 -10.34 -12.66
N PRO A 365 -1.23 -10.72 -13.32
CA PRO A 365 -2.21 -11.63 -12.72
C PRO A 365 -1.52 -12.95 -12.37
N TYR A 366 -1.86 -13.51 -11.22
CA TYR A 366 -1.65 -14.95 -10.96
C TYR A 366 -2.50 -15.72 -11.95
N PRO A 367 -2.19 -17.00 -12.19
CA PRO A 367 -3.11 -17.87 -12.94
C PRO A 367 -4.53 -17.81 -12.36
N GLY A 368 -5.52 -17.62 -13.21
CA GLY A 368 -6.94 -17.66 -12.82
C GLY A 368 -7.42 -16.38 -12.20
N PHE A 369 -6.65 -15.32 -12.27
CA PHE A 369 -7.06 -13.96 -11.81
C PHE A 369 -8.39 -13.61 -12.48
N ALA A 370 -9.33 -13.13 -11.69
CA ALA A 370 -10.56 -12.48 -12.16
C ALA A 370 -10.69 -11.19 -11.35
N PRO A 371 -11.01 -10.05 -11.99
CA PRO A 371 -11.19 -8.81 -11.25
C PRO A 371 -12.44 -8.93 -10.36
N HIS A 372 -12.32 -8.43 -9.15
CA HIS A 372 -13.43 -8.36 -8.16
C HIS A 372 -14.22 -7.09 -8.41
N PRO A 373 -15.36 -6.90 -7.72
CA PRO A 373 -16.32 -5.86 -8.07
C PRO A 373 -15.73 -4.45 -8.19
N TYR A 374 -14.79 -4.06 -7.32
CA TYR A 374 -13.98 -2.83 -7.58
C TYR A 374 -12.97 -3.17 -8.68
N ARG A 375 -13.45 -3.12 -9.93
CA ARG A 375 -12.75 -3.70 -11.10
C ARG A 375 -11.39 -3.03 -11.32
N ASP A 376 -11.31 -1.73 -11.09
CA ASP A 376 -10.11 -0.93 -11.39
C ASP A 376 -9.06 -1.06 -10.28
N TYR A 377 -9.24 -1.90 -9.25
CA TYR A 377 -8.23 -1.95 -8.15
C TYR A 377 -6.88 -2.46 -8.70
N SER A 378 -6.88 -3.56 -9.44
CA SER A 378 -5.65 -4.25 -9.89
C SER A 378 -5.50 -4.16 -11.41
N ALA A 379 -6.54 -4.50 -12.16
CA ALA A 379 -6.43 -4.95 -13.55
C ALA A 379 -5.85 -3.85 -14.45
N PRO A 380 -6.16 -2.55 -14.28
CA PRO A 380 -5.58 -1.54 -15.17
C PRO A 380 -4.07 -1.33 -15.01
N TRP A 381 -3.48 -1.88 -13.95
CA TRP A 381 -2.09 -1.53 -13.53
C TRP A 381 -1.11 -2.66 -13.84
N PHE A 382 -1.55 -3.78 -14.41
CA PHE A 382 -0.63 -4.88 -14.81
C PHE A 382 0.36 -4.37 -15.86
N GLY A 383 1.62 -4.81 -15.80
CA GLY A 383 2.67 -4.49 -16.79
C GLY A 383 3.52 -3.32 -16.35
N THR A 384 2.84 -2.20 -16.06
CA THR A 384 3.42 -0.85 -15.84
C THR A 384 3.84 -0.68 -14.38
N ARG A 385 3.46 -1.62 -13.51
CA ARG A 385 3.74 -1.55 -12.08
C ARG A 385 4.68 -2.67 -11.75
N ARG A 386 5.56 -2.42 -10.77
CA ARG A 386 6.41 -3.43 -10.12
C ARG A 386 5.80 -3.81 -8.78
N VAL A 387 5.85 -5.09 -8.41
CA VAL A 387 5.36 -5.60 -7.11
C VAL A 387 6.33 -5.15 -6.01
N LEU A 388 5.78 -4.58 -4.95
CA LEU A 388 6.48 -4.45 -3.66
C LEU A 388 5.75 -5.33 -2.66
N ARG A 389 6.51 -5.91 -1.76
CA ARG A 389 5.98 -6.77 -0.70
C ARG A 389 6.30 -6.17 0.65
N GLY A 390 5.56 -6.64 1.64
CA GLY A 390 5.80 -6.38 3.06
C GLY A 390 4.85 -5.32 3.53
N ALA A 391 5.41 -4.27 4.16
CA ALA A 391 4.67 -3.10 4.63
C ALA A 391 5.67 -2.03 5.10
N CYS A 392 5.20 -0.82 5.35
CA CYS A 392 6.05 0.26 5.91
C CYS A 392 5.51 0.67 7.28
N HIS A 393 6.25 1.49 8.01
CA HIS A 393 5.83 2.00 9.35
C HIS A 393 4.43 2.61 9.29
N ALA A 394 4.04 3.20 8.17
CA ALA A 394 2.73 3.89 8.03
C ALA A 394 1.64 2.95 7.49
N THR A 395 1.91 1.67 7.30
CA THR A 395 0.87 0.71 6.87
C THR A 395 0.05 0.34 8.11
N SER A 396 -1.26 0.34 8.04
CA SER A 396 -2.12 -0.17 9.14
CA SER A 396 -2.14 -0.19 9.12
C SER A 396 -1.77 -1.64 9.45
N ALA A 397 -1.76 -1.99 10.73
CA ALA A 397 -1.55 -3.37 11.20
C ALA A 397 -2.65 -4.27 10.63
N ALA A 398 -3.81 -3.70 10.31
CA ALA A 398 -4.98 -4.43 9.77
C ALA A 398 -4.75 -4.73 8.29
N LEU A 399 -3.85 -4.02 7.59
CA LEU A 399 -3.57 -4.32 6.16
C LEU A 399 -2.30 -5.12 6.00
N ALA A 400 -1.23 -4.77 6.71
CA ALA A 400 0.11 -5.38 6.51
C ALA A 400 -0.01 -6.93 6.52
N HIS A 401 0.44 -7.61 5.48
CA HIS A 401 0.12 -9.05 5.24
C HIS A 401 1.10 -9.65 4.22
N ALA A 402 1.56 -10.88 4.48
CA ALA A 402 2.65 -11.50 3.70
C ALA A 402 2.15 -11.87 2.29
N ARG A 403 0.83 -11.95 2.08
CA ARG A 403 0.25 -12.30 0.74
C ARG A 403 -0.09 -11.02 -0.02
N TYR A 404 0.00 -9.84 0.61
CA TYR A 404 -0.45 -8.57 0.00
C TYR A 404 0.50 -8.19 -1.11
N ARG A 405 -0.02 -7.87 -2.29
CA ARG A 405 0.83 -7.37 -3.38
C ARG A 405 0.64 -5.85 -3.49
N ASN A 406 1.69 -5.08 -3.26
CA ASN A 406 1.63 -3.63 -3.54
C ASN A 406 2.15 -3.45 -4.96
N PHE A 407 1.80 -2.36 -5.61
CA PHE A 407 2.06 -2.14 -7.05
C PHE A 407 2.13 -0.63 -7.31
N PHE A 408 3.32 -0.19 -7.72
CA PHE A 408 3.64 1.19 -8.14
C PHE A 408 4.58 1.13 -9.34
N GLU A 409 4.54 2.17 -10.17
CA GLU A 409 5.51 2.33 -11.26
C GLU A 409 6.89 2.37 -10.64
N PRO A 410 7.87 1.72 -11.30
CA PRO A 410 9.18 1.48 -10.71
C PRO A 410 10.02 2.73 -10.46
N HIS A 411 9.65 3.89 -10.99
CA HIS A 411 10.36 5.18 -10.72
C HIS A 411 9.93 5.85 -9.41
N ARG A 412 8.85 5.40 -8.77
CA ARG A 412 8.23 6.14 -7.64
C ARG A 412 9.17 6.11 -6.44
N ARG A 413 9.36 7.28 -5.81
CA ARG A 413 10.24 7.46 -4.64
C ARG A 413 9.48 8.13 -3.49
N ASP A 414 8.31 8.65 -3.74
CA ASP A 414 7.51 9.35 -2.70
C ASP A 414 7.02 8.32 -1.69
N ILE A 415 6.67 7.14 -2.18
CA ILE A 415 6.25 5.99 -1.33
C ILE A 415 7.36 5.61 -0.36
N PHE A 416 7.00 4.98 0.75
CA PHE A 416 7.92 4.46 1.80
C PHE A 416 8.54 3.14 1.34
N ALA A 417 9.34 3.23 0.27
CA ALA A 417 9.90 2.05 -0.41
C ALA A 417 11.41 1.96 -0.17
N GLY A 418 11.84 0.77 0.17
CA GLY A 418 13.24 0.30 0.19
C GLY A 418 13.30 -1.05 -0.46
N PHE A 419 14.13 -1.94 0.06
CA PHE A 419 14.28 -3.30 -0.51
C PHE A 419 15.15 -4.15 0.41
N ARG A 420 15.04 -5.46 0.24
CA ARG A 420 16.04 -6.41 0.78
C ARG A 420 16.66 -7.14 -0.41
N SER A 421 17.86 -7.67 -0.22
CA SER A 421 18.66 -8.32 -1.29
C SER A 421 18.77 -9.80 -1.00
N CYS A 422 19.07 -10.58 -2.02
CA CYS A 422 19.30 -12.03 -1.89
C CYS A 422 20.39 -12.45 -2.91
N ARG A 423 20.76 -13.74 -2.87
CA ARG A 423 21.74 -14.36 -3.80
C ARG A 423 21.56 -15.88 -3.72
N ALA A 424 21.96 -16.61 -4.78
CA ALA A 424 21.93 -18.10 -4.79
C ALA A 424 22.93 -18.58 -3.76
N PRO A 425 22.79 -19.81 -3.23
CA PRO A 425 23.79 -20.37 -2.32
C PRO A 425 25.11 -20.66 -3.06
FE FE B . -9.22 5.06 -3.29
CAA AVJ C . -2.56 -0.56 -3.62
CAB AVJ C . -1.32 0.75 -5.26
CAC AVJ C . -1.47 1.48 -2.92
OAH AVJ C . -3.50 3.24 -6.24
OAL AVJ C . -2.32 3.79 -4.44
CAM AVJ C . -6.50 3.41 -3.07
CAP AVJ C . -4.40 1.91 -3.28
NAR AVJ C . -6.43 2.04 -4.76
NAT AVJ C . -7.66 3.54 -3.77
CAX AVJ C . -3.05 3.02 -5.10
CAY AVJ C . -5.74 2.46 -3.64
CAZ AVJ C . -7.57 2.71 -4.78
CBC AVJ C . -3.45 1.67 -4.47
NBE AVJ C . -2.22 0.83 -4.05
C1 GS1 D . -6.45 6.18 -5.17
S1 GS1 D . -8.28 6.36 -4.96
C2 GS1 D . -5.97 6.72 -6.53
O2 GS1 D . -6.77 6.25 -7.65
C3 GS1 D . -4.48 6.39 -6.69
O3 GS1 D . -4.05 6.82 -8.01
C4 GS1 D . -3.58 6.90 -5.54
O4 GS1 D . -2.24 6.21 -5.62
C5 GS1 D . -4.27 6.71 -4.16
O5 GS1 D . -5.69 6.95 -4.22
C6 GS1 D . -3.66 7.55 -3.04
O6 GS1 D . -4.05 8.94 -3.09
C1 GOL E . 6.03 -26.65 4.79
O1 GOL E . 6.01 -26.45 3.38
C2 GOL E . 5.00 -25.76 5.48
O2 GOL E . 3.89 -25.54 4.61
C3 GOL E . 4.49 -26.32 6.79
O3 GOL E . 4.13 -25.28 7.71
C1 GOL F . 7.09 -3.16 -14.40
O1 GOL F . 6.96 -1.77 -14.66
C2 GOL F . 8.49 -3.50 -13.94
O2 GOL F . 8.59 -4.90 -13.73
C3 GOL F . 9.57 -3.08 -14.93
O3 GOL F . 10.62 -2.40 -14.27
C1 PEG G . -6.65 -12.36 15.14
O1 PEG G . -7.46 -11.64 16.12
C2 PEG G . -7.06 -13.80 14.97
O2 PEG G . -7.74 -14.00 13.74
C3 PEG G . -8.88 -14.86 13.80
C4 PEG G . -10.02 -14.26 13.03
O4 PEG G . -11.01 -13.70 13.89
#